data_3N9U
#
_entry.id   3N9U
#
_cell.length_a   165.950
_cell.length_b   124.730
_cell.length_c   40.500
_cell.angle_alpha   90.00
_cell.angle_beta   90.00
_cell.angle_gamma   90.00
#
_symmetry.space_group_name_H-M   'P 21 21 2'
#
loop_
_entity.id
_entity.type
_entity.pdbx_description
1 polymer 'Cleavage and polyadenylation specificity factor subunit 5'
2 polymer 'Cleavage and polyadenylation specificity factor subunit 7'
3 non-polymer GLYCEROL
4 water water
#
loop_
_entity_poly.entity_id
_entity_poly.type
_entity_poly.pdbx_seq_one_letter_code
_entity_poly.pdbx_strand_id
1 'polypeptide(L)'
;MHHHHHHSSGVDLGTENLYFQSMGNKYIQQTKPLTLERTINLYPLTNYTFGTKEPLYEKDSSVAARFQRMREEFDKIGMR
RTVEGVLIVHEHRLPHVLLLQLGTTFFKLPGGELNPGEDEVEGLKRLMTEILGRQDGVLQDWVIDDCIGNWWRPNFEPPQ
YPYIPAHITKPKEHKKLFLVQLQEKALFAVPKNYKLVAAPLFELYDNAPGYGPIISSLPQLLSRFNFIYN
;
A,B
2 'polypeptide(L)'
;MHHHHHHSSGVDLGTENLYFQSMEPPPPVRQEPSPKPNNKTPAILYTYSGLRNRRAAVYVGSFSWWTTDQQLIQVIRSIG
VYDVVELKFAENRANGQSKGYAEVVVASENSVHKLLELLPGKVLNGEKVDVRPATRQNLSQFEAQARKRECVRVPR
;
C,I
#
# COMPACT_ATOMS: atom_id res chain seq x y z
N ASN A 25 13.43 29.42 -34.21
CA ASN A 25 11.95 29.22 -34.18
C ASN A 25 11.56 27.74 -34.18
N LYS A 26 10.39 27.44 -33.60
CA LYS A 26 9.94 26.05 -33.35
C LYS A 26 8.52 25.77 -33.87
N TYR A 27 8.25 24.49 -34.12
CA TYR A 27 6.91 24.03 -34.48
C TYR A 27 6.04 23.87 -33.23
N ILE A 28 4.75 24.19 -33.37
CA ILE A 28 3.78 23.98 -32.29
C ILE A 28 3.49 22.48 -32.21
N GLN A 29 3.65 21.91 -31.03
CA GLN A 29 3.41 20.47 -30.81
C GLN A 29 1.95 20.20 -30.42
N GLN A 30 1.47 18.99 -30.76
CA GLN A 30 0.17 18.49 -30.28
C GLN A 30 0.26 18.33 -28.77
N THR A 31 -0.86 18.49 -28.07
CA THR A 31 -0.96 18.18 -26.66
C THR A 31 -0.57 16.73 -26.37
N LYS A 32 0.07 16.52 -25.22
CA LYS A 32 0.26 15.17 -24.70
C LYS A 32 -1.08 14.77 -24.08
N PRO A 33 -1.62 13.58 -24.44
CA PRO A 33 -2.95 13.24 -23.93
C PRO A 33 -2.99 13.27 -22.42
N LEU A 34 -4.01 13.95 -21.90
CA LEU A 34 -4.20 14.12 -20.47
C LEU A 34 -4.87 12.86 -19.94
N THR A 35 -4.14 12.06 -19.16
CA THR A 35 -4.73 10.90 -18.45
C THR A 35 -4.13 10.81 -17.05
N LEU A 36 -4.90 10.26 -16.13
CA LEU A 36 -4.36 10.05 -14.79
C LEU A 36 -3.58 8.70 -14.71
N GLU A 37 -3.66 7.86 -15.76
CA GLU A 37 -2.67 6.77 -15.91
C GLU A 37 -1.27 7.42 -16.02
N ARG A 38 -0.35 7.04 -15.13
CA ARG A 38 0.99 7.62 -15.06
C ARG A 38 2.03 6.64 -15.54
N THR A 39 2.77 7.03 -16.57
CA THR A 39 3.83 6.21 -17.12
C THR A 39 5.17 6.82 -16.74
N ILE A 40 6.07 5.99 -16.22
CA ILE A 40 7.34 6.44 -15.61
C ILE A 40 8.50 5.66 -16.17
N ASN A 41 9.51 6.38 -16.66
CA ASN A 41 10.70 5.73 -17.14
C ASN A 41 11.65 5.36 -16.03
N LEU A 42 12.04 4.09 -16.00
CA LEU A 42 13.09 3.60 -15.12
C LEU A 42 14.31 3.23 -15.95
N TYR A 43 15.47 3.31 -15.32
CA TYR A 43 16.74 2.98 -15.95
C TYR A 43 17.51 2.02 -15.06
N PRO A 44 18.48 1.27 -15.63
CA PRO A 44 19.22 0.26 -14.94
C PRO A 44 19.96 0.80 -13.72
N LEU A 45 20.00 0.02 -12.66
CA LEU A 45 20.74 0.39 -11.45
C LEU A 45 22.18 0.85 -11.74
N THR A 46 22.85 0.16 -12.65
CA THR A 46 24.24 0.47 -12.97
C THR A 46 24.42 1.79 -13.74
N ASN A 47 23.32 2.43 -14.14
CA ASN A 47 23.37 3.82 -14.68
C ASN A 47 23.58 4.89 -13.59
N TYR A 48 23.57 4.49 -12.33
CA TYR A 48 23.65 5.45 -11.22
C TYR A 48 24.88 5.15 -10.35
N THR A 49 25.63 6.20 -10.07
CA THR A 49 26.85 6.07 -9.30
C THR A 49 26.90 7.12 -8.22
N PHE A 50 27.85 6.98 -7.31
CA PHE A 50 27.97 7.99 -6.27
C PHE A 50 29.40 8.23 -5.84
N GLY A 51 29.68 9.46 -5.46
CA GLY A 51 30.90 9.81 -4.77
C GLY A 51 30.56 9.99 -3.31
N THR A 52 31.59 10.17 -2.49
CA THR A 52 31.42 10.35 -1.05
C THR A 52 31.61 11.80 -0.71
N LYS A 53 30.83 12.31 0.24
CA LYS A 53 31.10 13.63 0.80
C LYS A 53 31.16 13.57 2.33
N GLU A 54 31.23 14.74 2.98
CA GLU A 54 31.36 14.87 4.44
C GLU A 54 30.12 14.31 5.15
N PRO A 55 30.29 13.71 6.35
CA PRO A 55 29.16 13.10 7.06
C PRO A 55 28.03 14.09 7.32
N LEU A 56 26.82 13.55 7.46
CA LEU A 56 25.66 14.32 7.83
C LEU A 56 25.07 13.79 9.12
N TYR A 57 24.62 14.70 9.96
CA TYR A 57 24.08 14.38 11.27
C TYR A 57 22.75 15.06 11.28
N GLU A 58 21.73 14.35 11.74
CA GLU A 58 20.37 14.90 11.82
C GLU A 58 20.34 15.74 13.07
N LYS A 59 19.32 16.59 13.20
CA LYS A 59 19.20 17.46 14.36
C LYS A 59 19.09 16.68 15.67
N ASP A 60 18.42 15.52 15.60
CA ASP A 60 18.22 14.66 16.77
C ASP A 60 18.82 13.30 16.43
N SER A 61 19.54 12.69 17.38
CA SER A 61 20.02 11.32 17.20
C SER A 61 19.33 10.34 18.16
N SER A 62 18.79 10.86 19.27
CA SER A 62 18.03 10.03 20.21
C SER A 62 16.53 10.25 20.06
N VAL A 63 15.76 9.24 20.44
CA VAL A 63 14.29 9.34 20.48
C VAL A 63 13.81 10.48 21.39
N ALA A 64 14.39 10.56 22.57
CA ALA A 64 13.95 11.55 23.56
C ALA A 64 14.21 12.97 23.05
N ALA A 65 15.36 13.15 22.43
CA ALA A 65 15.71 14.42 21.79
C ALA A 65 14.78 14.71 20.60
N ARG A 66 14.46 13.69 19.80
CA ARG A 66 13.52 13.89 18.68
C ARG A 66 12.23 14.53 19.16
N PHE A 67 11.61 13.94 20.17
CA PHE A 67 10.27 14.38 20.56
C PHE A 67 10.26 15.63 21.41
N GLN A 68 11.37 15.89 22.11
CA GLN A 68 11.53 17.16 22.82
C GLN A 68 11.54 18.30 21.79
N ARG A 69 12.39 18.21 20.78
CA ARG A 69 12.42 19.27 19.73
C ARG A 69 11.03 19.41 19.04
N MET A 70 10.40 18.27 18.75
CA MET A 70 9.08 18.31 18.08
C MET A 70 8.05 19.06 18.93
N ARG A 71 8.04 18.80 20.24
CA ARG A 71 7.19 19.57 21.17
C ARG A 71 7.51 21.07 21.17
N GLU A 72 8.79 21.38 21.40
CA GLU A 72 9.26 22.79 21.40
C GLU A 72 8.83 23.52 20.13
N GLU A 73 9.16 22.94 18.96
CA GLU A 73 8.82 23.58 17.68
C GLU A 73 7.31 23.64 17.44
N PHE A 74 6.57 22.63 17.90
CA PHE A 74 5.13 22.62 17.67
C PHE A 74 4.48 23.86 18.29
N ASP A 75 4.94 24.23 19.48
CA ASP A 75 4.46 25.47 20.13
C ASP A 75 4.77 26.74 19.32
N LYS A 76 5.97 26.81 18.75
CA LYS A 76 6.37 27.98 17.91
C LYS A 76 5.71 28.07 16.53
N ILE A 77 5.95 27.07 15.68
CA ILE A 77 5.51 27.09 14.26
C ILE A 77 4.35 26.14 13.91
N GLY A 78 3.93 25.29 14.84
CA GLY A 78 2.77 24.42 14.60
C GLY A 78 3.21 23.09 14.04
N MET A 79 2.37 22.48 13.21
CA MET A 79 2.60 21.12 12.69
C MET A 79 3.90 20.98 11.89
N ARG A 80 4.73 20.01 12.24
CA ARG A 80 5.91 19.67 11.44
C ARG A 80 5.44 19.20 10.04
N ARG A 81 6.12 19.68 9.01
CA ARG A 81 5.82 19.30 7.63
C ARG A 81 7.06 18.66 7.09
N THR A 82 6.96 17.35 6.82
CA THR A 82 8.07 16.60 6.27
C THR A 82 7.73 16.16 4.86
N VAL A 83 8.76 16.09 4.02
CA VAL A 83 8.60 15.65 2.65
C VAL A 83 9.69 14.69 2.39
N GLU A 84 9.35 13.60 1.68
CA GLU A 84 10.33 12.62 1.32
C GLU A 84 10.19 12.20 -0.13
N GLY A 85 11.31 11.86 -0.72
CA GLY A 85 11.38 11.49 -2.13
C GLY A 85 11.62 10.00 -2.32
N VAL A 86 10.90 9.44 -3.30
CA VAL A 86 11.06 8.04 -3.69
C VAL A 86 11.68 7.99 -5.07
N LEU A 87 12.95 7.58 -5.12
CA LEU A 87 13.76 7.51 -6.33
C LEU A 87 13.82 6.05 -6.78
N ILE A 88 13.43 5.81 -8.03
CA ILE A 88 13.24 4.44 -8.50
CA ILE A 88 13.24 4.43 -8.50
C ILE A 88 14.17 4.12 -9.67
N VAL A 89 14.79 2.95 -9.62
CA VAL A 89 15.58 2.39 -10.68
C VAL A 89 15.07 0.96 -10.93
N HIS A 90 15.72 0.23 -11.84
CA HIS A 90 15.35 -1.16 -12.05
C HIS A 90 16.55 -2.06 -12.26
N GLU A 91 16.42 -3.29 -11.79
CA GLU A 91 17.32 -4.34 -12.19
C GLU A 91 16.45 -5.58 -12.36
N HIS A 92 16.75 -6.33 -13.42
CA HIS A 92 15.94 -7.48 -13.82
C HIS A 92 14.44 -7.22 -13.97
N ARG A 93 14.09 -6.07 -14.53
CA ARG A 93 12.69 -5.66 -14.71
C ARG A 93 11.87 -5.69 -13.42
N LEU A 94 12.53 -5.43 -12.28
CA LEU A 94 11.84 -5.21 -11.03
C LEU A 94 12.24 -3.81 -10.53
N PRO A 95 11.26 -2.95 -10.17
CA PRO A 95 11.68 -1.66 -9.61
C PRO A 95 12.40 -1.84 -8.27
N HIS A 96 13.37 -0.97 -8.06
CA HIS A 96 14.15 -0.91 -6.84
C HIS A 96 14.03 0.53 -6.33
N VAL A 97 13.77 0.70 -5.02
CA VAL A 97 13.72 2.02 -4.40
C VAL A 97 15.09 2.35 -3.75
N LEU A 98 15.62 3.53 -4.03
CA LEU A 98 16.90 3.95 -3.39
C LEU A 98 16.65 4.37 -1.96
N LEU A 99 17.42 3.81 -1.04
CA LEU A 99 17.32 4.14 0.38
C LEU A 99 18.64 4.59 0.95
N LEU A 100 18.58 5.42 1.98
CA LEU A 100 19.74 5.82 2.77
C LEU A 100 19.80 4.89 3.98
N GLN A 101 20.91 4.17 4.11
CA GLN A 101 21.14 3.27 5.22
C GLN A 101 22.17 3.94 6.15
N LEU A 102 21.72 4.18 7.38
CA LEU A 102 22.52 4.75 8.47
C LEU A 102 23.02 3.70 9.47
N GLY A 103 22.60 2.45 9.30
CA GLY A 103 22.90 1.37 10.27
C GLY A 103 22.47 0.02 9.72
N THR A 104 22.98 -1.06 10.33
CA THR A 104 22.64 -2.41 9.88
C THR A 104 21.18 -2.56 9.47
N THR A 105 20.29 -2.08 10.33
CA THR A 105 18.86 -2.19 10.11
C THR A 105 18.18 -0.81 10.26
N PHE A 106 18.82 0.27 9.78
CA PHE A 106 18.22 1.63 9.89
C PHE A 106 18.16 2.40 8.55
N PHE A 107 16.97 2.58 8.00
CA PHE A 107 16.82 3.08 6.64
C PHE A 107 15.92 4.29 6.62
N LYS A 108 16.24 5.25 5.74
CA LYS A 108 15.33 6.33 5.48
C LYS A 108 15.31 6.71 4.01
N LEU A 109 14.25 7.41 3.67
CA LEU A 109 14.14 8.00 2.35
C LEU A 109 14.85 9.37 2.46
N PRO A 110 15.43 9.87 1.35
CA PRO A 110 15.91 11.25 1.27
C PRO A 110 14.78 12.23 1.44
N GLY A 111 15.00 13.23 2.27
CA GLY A 111 13.95 14.14 2.62
C GLY A 111 14.24 14.88 3.89
N GLY A 112 13.20 15.47 4.45
CA GLY A 112 13.31 16.13 5.72
C GLY A 112 12.28 17.20 5.91
N GLU A 113 12.61 18.16 6.78
CA GLU A 113 11.67 19.14 7.24
C GLU A 113 11.65 20.37 6.34
N LEU A 114 10.44 20.84 6.06
CA LEU A 114 10.22 22.09 5.34
C LEU A 114 10.37 23.25 6.30
N ASN A 115 10.88 24.38 5.78
CA ASN A 115 10.95 25.63 6.53
C ASN A 115 9.55 26.21 6.54
N PRO A 116 9.25 27.14 7.46
CA PRO A 116 7.95 27.84 7.45
C PRO A 116 7.53 28.49 6.12
N GLY A 117 6.35 28.12 5.61
CA GLY A 117 5.84 28.61 4.33
C GLY A 117 6.51 28.09 3.08
N GLU A 118 7.51 27.20 3.24
CA GLU A 118 8.25 26.70 2.08
C GLU A 118 7.34 25.80 1.26
N ASP A 119 7.43 25.91 -0.06
CA ASP A 119 6.63 25.06 -0.93
C ASP A 119 7.09 23.58 -0.78
N GLU A 120 6.12 22.65 -0.75
CA GLU A 120 6.45 21.21 -0.56
C GLU A 120 7.44 20.68 -1.54
N VAL A 121 7.23 20.94 -2.83
CA VAL A 121 8.08 20.42 -3.87
C VAL A 121 9.47 21.09 -3.95
N GLU A 122 9.50 22.43 -3.86
CA GLU A 122 10.78 23.12 -3.89
C GLU A 122 11.59 22.76 -2.65
N GLY A 123 10.89 22.58 -1.52
CA GLY A 123 11.53 22.15 -0.30
C GLY A 123 12.11 20.75 -0.46
N LEU A 124 11.38 19.85 -1.12
CA LEU A 124 11.94 18.53 -1.31
C LEU A 124 13.14 18.58 -2.25
N LYS A 125 13.09 19.41 -3.29
CA LYS A 125 14.27 19.60 -4.13
C LYS A 125 15.49 20.09 -3.33
N ARG A 126 15.29 21.02 -2.42
CA ARG A 126 16.40 21.52 -1.56
C ARG A 126 16.99 20.38 -0.74
N LEU A 127 16.10 19.60 -0.12
CA LEU A 127 16.49 18.57 0.83
C LEU A 127 17.25 17.49 0.15
N MET A 128 16.78 17.13 -1.04
CA MET A 128 17.45 16.14 -1.83
C MET A 128 18.82 16.57 -2.33
N THR A 129 18.93 17.82 -2.73
CA THR A 129 20.21 18.35 -3.12
C THR A 129 21.17 18.39 -1.91
N GLU A 130 20.67 18.73 -0.75
CA GLU A 130 21.51 18.74 0.45
C GLU A 130 22.04 17.36 0.79
N ILE A 131 21.18 16.35 0.65
CA ILE A 131 21.56 15.00 1.03
C ILE A 131 22.36 14.29 -0.04
N LEU A 132 21.88 14.34 -1.29
CA LEU A 132 22.44 13.54 -2.39
C LEU A 132 23.09 14.34 -3.51
N GLY A 133 22.93 15.67 -3.50
CA GLY A 133 23.39 16.52 -4.61
C GLY A 133 24.87 16.41 -4.87
N ARG A 134 25.22 16.22 -6.14
CA ARG A 134 26.62 16.12 -6.59
C ARG A 134 27.38 17.41 -6.31
N GLN A 135 28.64 17.25 -5.89
CA GLN A 135 29.47 18.34 -5.37
C GLN A 135 30.43 18.99 -6.40
N ASP A 136 30.41 18.47 -7.64
CA ASP A 136 31.35 18.88 -8.69
C ASP A 136 30.76 19.87 -9.72
N GLY A 137 29.98 20.85 -9.26
CA GLY A 137 29.49 21.93 -10.12
C GLY A 137 28.23 21.70 -10.94
N VAL A 138 28.08 20.51 -11.54
CA VAL A 138 26.89 20.19 -12.35
C VAL A 138 25.61 20.19 -11.50
N LEU A 139 24.67 21.09 -11.80
CA LEU A 139 23.41 21.19 -11.03
C LEU A 139 22.50 19.98 -11.22
N GLN A 140 22.15 19.33 -10.11
CA GLN A 140 21.19 18.22 -10.16
C GLN A 140 19.79 18.79 -10.49
N ASP A 141 19.10 18.14 -11.43
CA ASP A 141 17.72 18.50 -11.77
C ASP A 141 16.73 17.38 -11.37
N TRP A 142 15.97 17.64 -10.31
CA TRP A 142 14.94 16.71 -9.83
C TRP A 142 13.57 16.93 -10.50
N VAL A 143 12.99 15.88 -11.05
CA VAL A 143 11.66 15.95 -11.64
C VAL A 143 10.66 15.34 -10.65
N ILE A 144 9.77 16.17 -10.13
CA ILE A 144 8.82 15.81 -9.09
C ILE A 144 7.41 16.24 -9.51
N ASP A 145 6.68 15.28 -10.09
CA ASP A 145 5.32 15.51 -10.59
C ASP A 145 4.23 14.71 -9.88
N ASP A 146 4.60 13.81 -8.95
CA ASP A 146 3.66 12.82 -8.39
C ASP A 146 3.67 12.70 -6.85
N CYS A 147 2.51 12.91 -6.25
CA CYS A 147 2.36 12.60 -4.86
C CYS A 147 1.95 11.14 -4.76
N ILE A 148 2.64 10.43 -3.88
CA ILE A 148 2.55 8.99 -3.69
C ILE A 148 1.67 8.66 -2.48
N GLY A 149 1.68 9.53 -1.49
CA GLY A 149 0.96 9.30 -0.26
C GLY A 149 1.28 10.27 0.86
N ASN A 150 0.56 10.09 1.95
CA ASN A 150 0.62 10.98 3.10
C ASN A 150 0.56 10.16 4.37
N TRP A 151 1.34 10.57 5.37
CA TRP A 151 1.31 9.97 6.72
C TRP A 151 1.26 11.06 7.78
N TRP A 152 0.45 10.83 8.82
CA TRP A 152 0.23 11.78 9.87
C TRP A 152 0.60 11.21 11.22
N ARG A 153 1.18 12.06 12.04
CA ARG A 153 1.56 11.68 13.39
C ARG A 153 0.61 12.43 14.32
N PRO A 154 -0.32 11.70 14.97
CA PRO A 154 -1.33 12.38 15.77
C PRO A 154 -0.78 12.97 17.08
N ASN A 155 0.27 12.37 17.65
CA ASN A 155 0.84 12.79 18.94
C ASN A 155 2.36 12.90 18.88
N PHE A 156 2.99 13.31 19.99
CA PHE A 156 4.46 13.37 20.07
C PHE A 156 5.05 12.02 20.43
N GLU A 157 4.73 11.03 19.60
CA GLU A 157 5.11 9.66 19.79
C GLU A 157 5.37 9.03 18.44
N PRO A 158 5.98 7.84 18.43
CA PRO A 158 6.33 7.17 17.19
C PRO A 158 5.19 6.85 16.19
N PRO A 159 3.94 6.58 16.64
CA PRO A 159 2.98 6.14 15.61
C PRO A 159 2.62 7.16 14.54
N GLN A 160 2.64 6.70 13.31
CA GLN A 160 2.16 7.46 12.16
C GLN A 160 1.14 6.56 11.42
N TYR A 161 0.13 7.21 10.86
CA TYR A 161 -0.93 6.59 10.10
C TYR A 161 -1.15 7.27 8.76
N PRO A 162 -1.66 6.50 7.78
CA PRO A 162 -2.00 7.03 6.46
C PRO A 162 -3.30 7.79 6.36
N TYR A 163 -3.85 8.23 7.50
CA TYR A 163 -5.06 9.00 7.60
C TYR A 163 -4.91 9.77 8.90
N ILE A 164 -5.78 10.75 9.11
CA ILE A 164 -5.88 11.43 10.40
C ILE A 164 -6.98 10.75 11.22
N PRO A 165 -6.64 10.20 12.41
CA PRO A 165 -7.71 9.61 13.27
C PRO A 165 -8.83 10.58 13.53
N ALA A 166 -10.07 10.08 13.60
CA ALA A 166 -11.26 10.92 13.65
C ALA A 166 -11.30 11.91 14.81
N HIS A 167 -10.57 11.63 15.89
CA HIS A 167 -10.64 12.47 17.10
C HIS A 167 -9.55 13.54 17.12
N ILE A 168 -8.60 13.42 16.19
CA ILE A 168 -7.44 14.28 16.14
C ILE A 168 -7.76 15.41 15.19
N THR A 169 -7.78 16.63 15.72
CA THR A 169 -7.91 17.82 14.89
C THR A 169 -6.57 18.52 14.64
N LYS A 170 -5.55 18.21 15.44
CA LYS A 170 -4.24 18.86 15.37
C LYS A 170 -3.07 17.89 15.36
N PRO A 171 -2.85 17.24 14.22
CA PRO A 171 -1.72 16.33 14.10
C PRO A 171 -0.39 17.07 14.27
N LYS A 172 0.59 16.39 14.85
CA LYS A 172 1.90 16.98 15.16
C LYS A 172 2.91 17.00 13.99
N GLU A 173 2.71 16.09 13.03
CA GLU A 173 3.57 15.99 11.85
C GLU A 173 2.70 15.50 10.71
N HIS A 174 2.91 16.11 9.54
CA HIS A 174 2.36 15.66 8.30
C HIS A 174 3.53 15.38 7.38
N LYS A 175 3.66 14.11 6.95
CA LYS A 175 4.68 13.66 6.06
C LYS A 175 4.09 13.33 4.69
N LYS A 176 4.63 13.95 3.65
CA LYS A 176 4.18 13.74 2.28
C LYS A 176 5.26 13.09 1.47
N LEU A 177 4.88 12.06 0.69
CA LEU A 177 5.80 11.34 -0.15
C LEU A 177 5.55 11.63 -1.62
N PHE A 178 6.64 11.74 -2.37
CA PHE A 178 6.63 12.06 -3.76
C PHE A 178 7.50 11.13 -4.52
N LEU A 179 7.08 10.78 -5.75
CA LEU A 179 7.90 10.05 -6.68
C LEU A 179 8.79 11.04 -7.42
N VAL A 180 10.09 10.81 -7.33
CA VAL A 180 11.08 11.66 -7.97
C VAL A 180 11.63 10.91 -9.16
N GLN A 181 11.38 11.42 -10.37
CA GLN A 181 11.82 10.74 -11.57
C GLN A 181 13.28 11.10 -11.83
N LEU A 182 14.10 10.10 -12.13
CA LEU A 182 15.52 10.27 -12.39
C LEU A 182 15.76 10.38 -13.90
N GLN A 183 16.85 11.04 -14.24
CA GLN A 183 17.31 11.07 -15.62
C GLN A 183 17.97 9.74 -15.89
N GLU A 184 18.21 9.46 -17.16
CA GLU A 184 18.86 8.22 -17.59
C GLU A 184 20.10 7.85 -16.79
N LYS A 185 20.95 8.84 -16.51
CA LYS A 185 22.13 8.64 -15.65
C LYS A 185 22.26 9.75 -14.62
N ALA A 186 22.90 9.45 -13.50
CA ALA A 186 23.09 10.45 -12.43
C ALA A 186 24.24 10.03 -11.55
N LEU A 187 24.97 11.02 -11.06
CA LEU A 187 25.98 10.85 -10.05
C LEU A 187 25.44 11.55 -8.81
N PHE A 188 25.45 10.84 -7.68
CA PHE A 188 25.06 11.42 -6.40
C PHE A 188 26.33 11.62 -5.59
N ALA A 189 26.23 12.41 -4.53
CA ALA A 189 27.26 12.53 -3.52
C ALA A 189 26.59 12.13 -2.22
N VAL A 190 27.09 11.07 -1.59
CA VAL A 190 26.47 10.51 -0.39
C VAL A 190 27.33 10.85 0.86
N PRO A 191 26.69 11.35 1.93
CA PRO A 191 27.47 11.59 3.15
C PRO A 191 28.17 10.32 3.63
N LYS A 192 29.41 10.43 4.07
CA LYS A 192 30.23 9.24 4.24
C LYS A 192 29.75 8.30 5.33
N ASN A 193 28.94 8.78 6.27
CA ASN A 193 28.35 7.94 7.33
C ASN A 193 27.04 7.26 6.89
N TYR A 194 26.62 7.49 5.64
CA TYR A 194 25.45 6.85 5.05
C TYR A 194 25.90 5.87 3.97
N LYS A 195 25.04 4.92 3.63
CA LYS A 195 25.19 4.15 2.40
C LYS A 195 23.94 4.40 1.55
N LEU A 196 24.09 4.40 0.24
CA LEU A 196 22.94 4.51 -0.65
C LEU A 196 22.79 3.13 -1.25
N VAL A 197 21.60 2.54 -1.09
CA VAL A 197 21.36 1.17 -1.54
C VAL A 197 20.04 1.09 -2.28
N ALA A 198 19.90 0.03 -3.07
CA ALA A 198 18.76 -0.17 -3.94
C ALA A 198 17.96 -1.39 -3.48
N ALA A 199 16.75 -1.15 -2.98
CA ALA A 199 15.91 -2.17 -2.44
C ALA A 199 14.88 -2.66 -3.47
N PRO A 200 14.97 -3.92 -3.92
CA PRO A 200 13.91 -4.48 -4.75
C PRO A 200 12.59 -4.41 -4.04
N LEU A 201 11.50 -4.23 -4.78
CA LEU A 201 10.22 -4.13 -4.12
C LEU A 201 9.90 -5.36 -3.27
N PHE A 202 10.31 -6.56 -3.69
CA PHE A 202 10.04 -7.77 -2.86
C PHE A 202 10.74 -7.80 -1.51
N GLU A 203 11.85 -7.10 -1.40
CA GLU A 203 12.55 -6.90 -0.10
C GLU A 203 11.77 -6.00 0.88
N LEU A 204 11.04 -5.01 0.36
CA LEU A 204 10.24 -4.13 1.19
C LEU A 204 8.88 -4.68 1.58
N TYR A 205 8.27 -5.43 0.66
CA TYR A 205 6.90 -5.87 0.79
C TYR A 205 6.66 -6.74 2.03
N ASP A 206 5.65 -6.39 2.79
CA ASP A 206 5.37 -7.07 4.03
C ASP A 206 6.59 -7.18 4.96
N ASN A 207 7.46 -6.16 4.94
CA ASN A 207 8.65 -6.19 5.79
C ASN A 207 8.70 -4.92 6.67
N ALA A 208 7.56 -4.60 7.26
CA ALA A 208 7.48 -3.51 8.25
C ALA A 208 8.47 -3.70 9.40
N PRO A 209 8.71 -4.95 9.83
CA PRO A 209 9.69 -5.11 10.94
C PRO A 209 11.08 -4.68 10.56
N GLY A 210 11.48 -4.91 9.32
CA GLY A 210 12.77 -4.45 8.85
C GLY A 210 12.88 -2.97 8.44
N TYR A 211 11.83 -2.43 7.82
CA TYR A 211 11.87 -1.13 7.13
C TYR A 211 10.90 -0.09 7.69
N GLY A 212 10.03 -0.49 8.62
CA GLY A 212 8.97 0.37 9.12
C GLY A 212 7.75 0.41 8.21
N PRO A 213 6.66 0.99 8.69
CA PRO A 213 5.38 1.00 7.97
C PRO A 213 5.36 1.84 6.70
N ILE A 214 6.22 2.85 6.61
CA ILE A 214 6.21 3.77 5.48
C ILE A 214 6.95 3.16 4.28
N ILE A 215 8.19 2.79 4.50
CA ILE A 215 8.98 2.21 3.44
C ILE A 215 8.37 0.86 2.99
N SER A 216 7.84 0.07 3.92
CA SER A 216 7.37 -1.26 3.58
C SER A 216 6.06 -1.23 2.76
N SER A 217 5.38 -0.09 2.76
CA SER A 217 4.20 0.03 1.92
C SER A 217 4.43 0.70 0.59
N LEU A 218 5.69 0.98 0.26
CA LEU A 218 6.01 1.55 -1.04
C LEU A 218 5.67 0.66 -2.25
N PRO A 219 5.82 -0.68 -2.13
CA PRO A 219 5.37 -1.54 -3.26
C PRO A 219 3.90 -1.27 -3.64
N GLN A 220 3.05 -1.20 -2.64
CA GLN A 220 1.64 -0.96 -2.87
C GLN A 220 1.45 0.44 -3.46
N LEU A 221 2.12 1.42 -2.86
CA LEU A 221 2.02 2.82 -3.35
C LEU A 221 2.56 3.07 -4.75
N LEU A 222 3.52 2.25 -5.20
CA LEU A 222 4.08 2.39 -6.50
C LEU A 222 3.33 1.53 -7.55
N SER A 223 2.44 0.67 -7.10
CA SER A 223 1.81 -0.33 -8.02
C SER A 223 0.95 0.30 -9.11
N ARG A 224 0.42 1.50 -8.87
CA ARG A 224 -0.39 2.18 -9.89
C ARG A 224 0.41 2.67 -11.08
N PHE A 225 1.73 2.80 -10.94
CA PHE A 225 2.54 3.37 -12.01
C PHE A 225 2.85 2.36 -13.12
N ASN A 226 2.75 2.83 -14.38
CA ASN A 226 3.21 2.06 -15.54
C ASN A 226 4.70 2.30 -15.79
N PHE A 227 5.54 1.43 -15.26
CA PHE A 227 6.98 1.58 -15.36
C PHE A 227 7.50 1.08 -16.68
N ILE A 228 8.36 1.87 -17.32
CA ILE A 228 9.06 1.42 -18.52
C ILE A 228 10.49 1.08 -18.16
N TYR A 229 10.89 -0.15 -18.47
CA TYR A 229 12.21 -0.66 -18.08
C TYR A 229 13.14 -0.45 -19.24
N ASN A 230 13.79 0.70 -19.26
CA ASN A 230 14.77 1.02 -20.30
C ASN A 230 16.06 0.27 -20.05
N GLN B 30 -7.32 24.22 -11.03
CA GLN B 30 -6.50 24.25 -9.78
C GLN B 30 -5.04 24.64 -10.06
N THR B 31 -4.36 25.11 -9.01
CA THR B 31 -3.01 25.68 -9.15
C THR B 31 -1.90 24.61 -9.32
N LYS B 32 -1.93 23.55 -8.51
CA LYS B 32 -0.92 22.48 -8.63
C LYS B 32 -1.29 21.48 -9.74
N PRO B 33 -0.30 20.85 -10.39
CA PRO B 33 -0.66 19.76 -11.31
C PRO B 33 -1.56 18.68 -10.64
N LEU B 34 -2.48 18.11 -11.40
CA LEU B 34 -3.35 17.04 -10.88
C LEU B 34 -2.58 15.79 -10.44
N THR B 35 -1.39 15.59 -11.00
CA THR B 35 -0.51 14.50 -10.60
C THR B 35 0.08 14.76 -9.17
N LEU B 36 0.15 16.04 -8.78
CA LEU B 36 0.70 16.40 -7.47
C LEU B 36 -0.36 16.55 -6.41
N GLU B 37 -1.58 16.91 -6.80
CA GLU B 37 -2.64 17.05 -5.82
C GLU B 37 -3.95 16.73 -6.48
N ARG B 38 -4.54 15.60 -6.11
CA ARG B 38 -5.80 15.18 -6.65
C ARG B 38 -6.87 15.30 -5.57
N THR B 39 -7.90 16.12 -5.87
CA THR B 39 -9.02 16.37 -4.96
C THR B 39 -10.27 15.56 -5.30
N ILE B 40 -10.92 15.00 -4.27
CA ILE B 40 -12.06 14.09 -4.50
C ILE B 40 -13.15 14.47 -3.56
N ASN B 41 -14.37 14.59 -4.09
CA ASN B 41 -15.56 14.84 -3.30
C ASN B 41 -16.15 13.58 -2.70
N LEU B 42 -16.24 13.56 -1.38
CA LEU B 42 -16.94 12.54 -0.63
C LEU B 42 -18.24 13.11 -0.09
N TYR B 43 -19.27 12.27 -0.06
CA TYR B 43 -20.55 12.62 0.51
C TYR B 43 -20.87 11.75 1.72
N PRO B 44 -21.70 12.26 2.62
CA PRO B 44 -21.90 11.54 3.87
C PRO B 44 -22.70 10.27 3.62
N LEU B 45 -22.53 9.30 4.48
CA LEU B 45 -23.23 8.02 4.32
C LEU B 45 -24.76 8.26 4.33
N THR B 46 -25.22 9.24 5.12
CA THR B 46 -26.64 9.63 5.15
C THR B 46 -27.21 10.05 3.78
N ASN B 47 -26.36 10.32 2.79
CA ASN B 47 -26.83 10.65 1.44
C ASN B 47 -27.20 9.44 0.64
N TYR B 48 -26.89 8.24 1.16
CA TYR B 48 -27.05 7.02 0.37
C TYR B 48 -28.09 6.08 0.98
N THR B 49 -28.78 5.37 0.10
CA THR B 49 -29.70 4.32 0.54
C THR B 49 -29.32 2.96 -0.02
N PHE B 50 -29.83 1.93 0.66
CA PHE B 50 -29.40 0.58 0.43
C PHE B 50 -30.59 -0.37 0.35
N GLY B 51 -30.64 -1.13 -0.73
CA GLY B 51 -31.65 -2.17 -0.86
C GLY B 51 -31.03 -3.52 -1.08
N THR B 52 -31.87 -4.53 -1.32
CA THR B 52 -31.41 -5.86 -1.68
C THR B 52 -32.11 -6.38 -2.93
N LYS B 53 -31.48 -7.34 -3.60
CA LYS B 53 -32.08 -7.92 -4.80
C LYS B 53 -31.70 -9.39 -4.81
N GLU B 54 -31.91 -10.08 -5.92
CA GLU B 54 -31.72 -11.53 -5.93
C GLU B 54 -30.25 -11.88 -5.71
N PRO B 55 -29.99 -13.05 -5.12
CA PRO B 55 -28.59 -13.33 -4.84
C PRO B 55 -27.75 -13.42 -6.13
N LEU B 56 -26.46 -13.16 -6.01
CA LEU B 56 -25.56 -13.24 -7.14
C LEU B 56 -24.48 -14.24 -6.74
N TYR B 57 -24.42 -15.34 -7.47
CA TYR B 57 -23.54 -16.45 -7.10
C TYR B 57 -22.28 -16.38 -7.91
N GLU B 58 -21.18 -16.88 -7.35
CA GLU B 58 -19.89 -16.86 -8.03
C GLU B 58 -19.90 -17.80 -9.21
N LYS B 59 -19.15 -17.48 -10.27
CA LYS B 59 -19.01 -18.39 -11.40
C LYS B 59 -18.44 -19.77 -11.00
N ASP B 60 -17.63 -19.83 -9.94
CA ASP B 60 -16.95 -21.05 -9.49
C ASP B 60 -17.45 -21.47 -8.10
N SER B 61 -17.75 -22.76 -7.97
CA SER B 61 -18.36 -23.27 -6.74
C SER B 61 -17.31 -23.78 -5.73
N SER B 62 -16.05 -23.83 -6.13
CA SER B 62 -14.98 -24.16 -5.19
C SER B 62 -13.68 -23.49 -5.60
N VAL B 63 -12.73 -23.44 -4.66
CA VAL B 63 -11.38 -22.94 -4.95
C VAL B 63 -10.76 -23.74 -6.08
N ALA B 64 -10.89 -25.07 -6.00
CA ALA B 64 -10.40 -25.94 -7.05
C ALA B 64 -11.00 -25.54 -8.40
N ALA B 65 -12.30 -25.32 -8.45
CA ALA B 65 -12.96 -24.98 -9.69
C ALA B 65 -12.50 -23.59 -10.16
N ARG B 66 -12.27 -22.69 -9.19
CA ARG B 66 -11.75 -21.34 -9.49
C ARG B 66 -10.45 -21.41 -10.30
N PHE B 67 -9.47 -22.14 -9.78
CA PHE B 67 -8.18 -22.20 -10.46
C PHE B 67 -8.19 -23.05 -11.73
N GLN B 68 -9.09 -24.02 -11.80
CA GLN B 68 -9.21 -24.81 -13.04
C GLN B 68 -9.70 -23.92 -14.19
N ARG B 69 -10.76 -23.16 -13.98
CA ARG B 69 -11.24 -22.22 -15.02
C ARG B 69 -10.17 -21.19 -15.39
N MET B 70 -9.41 -20.73 -14.40
CA MET B 70 -8.37 -19.71 -14.63
C MET B 70 -7.34 -20.28 -15.57
N ARG B 71 -6.98 -21.53 -15.30
CA ARG B 71 -6.02 -22.26 -16.15
C ARG B 71 -6.52 -22.45 -17.57
N GLU B 72 -7.78 -22.83 -17.71
CA GLU B 72 -8.36 -23.08 -19.05
C GLU B 72 -8.45 -21.76 -19.82
N GLU B 73 -8.95 -20.72 -19.17
CA GLU B 73 -9.01 -19.42 -19.81
C GLU B 73 -7.63 -18.87 -20.14
N PHE B 74 -6.62 -19.23 -19.33
CA PHE B 74 -5.28 -18.76 -19.59
C PHE B 74 -4.77 -19.34 -20.89
N ASP B 75 -5.02 -20.63 -21.08
CA ASP B 75 -4.59 -21.32 -22.28
C ASP B 75 -5.36 -20.85 -23.50
N LYS B 76 -6.65 -20.63 -23.35
CA LYS B 76 -7.52 -20.30 -24.49
C LYS B 76 -7.43 -18.82 -24.85
N ILE B 77 -7.31 -17.96 -23.83
CA ILE B 77 -7.35 -16.51 -24.05
C ILE B 77 -6.07 -15.81 -23.61
N GLY B 78 -5.68 -16.04 -22.35
CA GLY B 78 -4.50 -15.42 -21.75
C GLY B 78 -4.78 -14.93 -20.34
N MET B 79 -3.96 -13.98 -19.89
CA MET B 79 -4.05 -13.43 -18.54
C MET B 79 -5.44 -12.95 -18.18
N ARG B 80 -5.93 -13.38 -17.03
CA ARG B 80 -7.16 -12.85 -16.54
C ARG B 80 -6.98 -11.36 -16.19
N ARG B 81 -7.97 -10.57 -16.57
CA ARG B 81 -8.02 -9.14 -16.28
C ARG B 81 -9.20 -8.84 -15.37
N THR B 82 -8.90 -8.48 -14.13
CA THR B 82 -9.90 -8.16 -13.14
CA THR B 82 -9.95 -8.12 -13.20
C THR B 82 -9.83 -6.65 -12.86
N VAL B 83 -10.99 -6.06 -12.60
CA VAL B 83 -11.10 -4.66 -12.21
C VAL B 83 -11.97 -4.65 -10.97
N GLU B 84 -11.59 -3.82 -10.01
CA GLU B 84 -12.37 -3.59 -8.83
C GLU B 84 -12.50 -2.12 -8.51
N GLY B 85 -13.61 -1.76 -7.89
CA GLY B 85 -13.91 -0.39 -7.58
C GLY B 85 -13.88 -0.15 -6.09
N VAL B 86 -13.28 0.98 -5.73
CA VAL B 86 -13.24 1.49 -4.39
C VAL B 86 -14.16 2.72 -4.28
N LEU B 87 -15.24 2.54 -3.54
CA LEU B 87 -16.34 3.49 -3.43
C LEU B 87 -16.25 4.01 -2.01
N ILE B 88 -16.22 5.34 -1.88
CA ILE B 88 -15.94 5.97 -0.60
C ILE B 88 -17.04 6.94 -0.22
N VAL B 89 -17.43 6.85 1.03
CA VAL B 89 -18.33 7.77 1.66
C VAL B 89 -17.60 8.34 2.87
N HIS B 90 -18.19 9.33 3.53
CA HIS B 90 -17.64 9.78 4.80
C HIS B 90 -18.69 9.73 5.89
N GLU B 91 -18.25 9.37 7.05
CA GLU B 91 -19.04 9.43 8.25
C GLU B 91 -18.07 9.73 9.39
N HIS B 92 -18.57 10.40 10.40
CA HIS B 92 -17.77 10.70 11.60
C HIS B 92 -16.34 11.07 11.21
N ARG B 93 -16.20 12.04 10.30
CA ARG B 93 -14.91 12.65 10.00
C ARG B 93 -13.89 11.84 9.17
N LEU B 94 -14.26 10.64 8.71
CA LEU B 94 -13.29 9.71 8.17
C LEU B 94 -13.84 9.04 6.91
N PRO B 95 -12.99 8.85 5.91
CA PRO B 95 -13.47 8.09 4.75
C PRO B 95 -13.82 6.66 5.16
N HIS B 96 -14.85 6.12 4.54
CA HIS B 96 -15.25 4.74 4.73
C HIS B 96 -15.33 4.10 3.37
N VAL B 97 -14.80 2.89 3.21
CA VAL B 97 -14.88 2.21 1.94
C VAL B 97 -16.07 1.23 1.97
N LEU B 98 -16.84 1.18 0.90
CA LEU B 98 -17.92 0.19 0.79
C LEU B 98 -17.37 -1.19 0.40
N LEU B 99 -17.62 -2.15 1.26
CA LEU B 99 -17.18 -3.53 1.03
C LEU B 99 -18.38 -4.45 0.98
N LEU B 100 -18.28 -5.49 0.14
CA LEU B 100 -19.24 -6.59 0.14
C LEU B 100 -18.76 -7.65 1.11
N GLN B 101 -19.62 -8.03 2.03
CA GLN B 101 -19.30 -9.05 3.03
C GLN B 101 -20.12 -10.30 2.72
N LEU B 102 -19.45 -11.44 2.67
CA LEU B 102 -20.12 -12.75 2.62
C LEU B 102 -19.87 -13.38 3.98
N GLY B 103 -20.94 -13.52 4.76
CA GLY B 103 -20.90 -14.22 6.04
C GLY B 103 -20.35 -13.39 7.18
N THR B 104 -19.33 -13.93 7.83
CA THR B 104 -18.73 -13.32 9.02
C THR B 104 -17.45 -12.58 8.68
N THR B 105 -16.65 -13.20 7.82
CA THR B 105 -15.23 -12.93 7.76
C THR B 105 -14.70 -12.67 6.34
N PHE B 106 -15.53 -12.87 5.31
CA PHE B 106 -15.07 -12.72 3.94
C PHE B 106 -15.52 -11.38 3.32
N PHE B 107 -14.57 -10.64 2.76
CA PHE B 107 -14.86 -9.29 2.26
C PHE B 107 -14.32 -9.15 0.89
N LYS B 108 -15.02 -8.44 0.01
CA LYS B 108 -14.50 -8.15 -1.31
C LYS B 108 -14.96 -6.77 -1.80
N LEU B 109 -14.25 -6.29 -2.79
CA LEU B 109 -14.57 -5.05 -3.45
C LEU B 109 -15.53 -5.43 -4.59
N PRO B 110 -16.46 -4.57 -4.95
CA PRO B 110 -17.22 -4.80 -6.17
C PRO B 110 -16.34 -4.74 -7.41
N GLY B 111 -16.51 -5.74 -8.26
CA GLY B 111 -15.77 -5.79 -9.51
C GLY B 111 -15.85 -7.19 -10.09
N GLY B 112 -14.92 -7.54 -10.97
CA GLY B 112 -14.95 -8.83 -11.58
C GLY B 112 -14.09 -8.89 -12.80
N GLU B 113 -14.42 -9.83 -13.70
CA GLU B 113 -13.59 -10.14 -14.84
C GLU B 113 -14.01 -9.34 -16.06
N LEU B 114 -13.02 -8.77 -16.73
CA LEU B 114 -13.20 -8.11 -18.02
C LEU B 114 -13.33 -9.17 -19.11
N ASN B 115 -14.12 -8.85 -20.13
CA ASN B 115 -14.16 -9.70 -21.32
C ASN B 115 -12.94 -9.43 -22.18
N PRO B 116 -12.59 -10.41 -23.03
CA PRO B 116 -11.54 -10.17 -24.01
C PRO B 116 -11.73 -8.85 -24.78
N GLY B 117 -10.68 -8.03 -24.82
CA GLY B 117 -10.72 -6.74 -25.51
C GLY B 117 -11.46 -5.58 -24.87
N GLU B 118 -12.09 -5.80 -23.73
CA GLU B 118 -12.94 -4.81 -23.11
C GLU B 118 -12.09 -3.71 -22.48
N ASP B 119 -12.55 -2.46 -22.61
CA ASP B 119 -11.94 -1.33 -21.94
C ASP B 119 -12.12 -1.47 -20.42
N GLU B 120 -11.07 -1.14 -19.66
CA GLU B 120 -11.09 -1.35 -18.23
C GLU B 120 -12.15 -0.55 -17.56
N VAL B 121 -12.27 0.73 -17.93
CA VAL B 121 -13.21 1.61 -17.29
C VAL B 121 -14.64 1.23 -17.65
N GLU B 122 -14.91 1.01 -18.94
CA GLU B 122 -16.28 0.58 -19.36
C GLU B 122 -16.65 -0.76 -18.71
N GLY B 123 -15.67 -1.67 -18.64
CA GLY B 123 -15.85 -2.95 -17.99
C GLY B 123 -16.18 -2.83 -16.51
N LEU B 124 -15.47 -1.95 -15.77
CA LEU B 124 -15.81 -1.75 -14.34
C LEU B 124 -17.21 -1.15 -14.15
N LYS B 125 -17.60 -0.19 -14.99
CA LYS B 125 -18.97 0.34 -14.96
C LYS B 125 -20.02 -0.76 -15.20
N ARG B 126 -19.77 -1.64 -16.16
CA ARG B 126 -20.68 -2.77 -16.40
C ARG B 126 -20.80 -3.62 -15.12
N LEU B 127 -19.65 -4.01 -14.58
CA LEU B 127 -19.61 -4.86 -13.37
C LEU B 127 -20.26 -4.22 -12.16
N MET B 128 -20.04 -2.93 -11.93
CA MET B 128 -20.64 -2.21 -10.82
C MET B 128 -22.17 -2.21 -10.99
N THR B 129 -22.61 -2.00 -12.23
CA THR B 129 -24.04 -2.02 -12.51
C THR B 129 -24.61 -3.42 -12.31
N GLU B 130 -23.92 -4.45 -12.76
CA GLU B 130 -24.36 -5.82 -12.53
C GLU B 130 -24.53 -6.10 -11.04
N ILE B 131 -23.56 -5.66 -10.24
CA ILE B 131 -23.52 -6.00 -8.85
C ILE B 131 -24.45 -5.11 -8.00
N LEU B 132 -24.37 -3.80 -8.20
CA LEU B 132 -25.08 -2.86 -7.33
C LEU B 132 -26.19 -2.12 -8.02
N GLY B 133 -26.46 -2.44 -9.28
CA GLY B 133 -27.48 -1.72 -10.05
C GLY B 133 -28.90 -2.02 -9.60
N ARG B 134 -29.81 -1.09 -9.89
CA ARG B 134 -31.15 -1.15 -9.35
C ARG B 134 -32.07 -2.00 -10.21
N GLN B 135 -33.05 -2.64 -9.57
CA GLN B 135 -33.97 -3.50 -10.32
C GLN B 135 -34.94 -2.66 -11.14
N ASP B 136 -35.28 -1.47 -10.63
CA ASP B 136 -36.16 -0.52 -11.33
C ASP B 136 -35.52 0.21 -12.54
N GLY B 137 -34.37 -0.26 -13.02
CA GLY B 137 -33.77 0.23 -14.27
C GLY B 137 -33.10 1.61 -14.26
N VAL B 138 -33.33 2.40 -13.21
CA VAL B 138 -32.70 3.72 -13.03
C VAL B 138 -31.19 3.55 -12.81
N LEU B 139 -30.41 4.08 -13.76
CA LEU B 139 -28.97 3.87 -13.79
C LEU B 139 -28.23 4.71 -12.75
N GLN B 140 -27.20 4.11 -12.14
CA GLN B 140 -26.19 4.88 -11.43
C GLN B 140 -25.24 5.51 -12.46
N ASP B 141 -24.66 6.64 -12.09
CA ASP B 141 -23.72 7.33 -12.95
C ASP B 141 -22.34 7.10 -12.32
N TRP B 142 -21.61 6.11 -12.79
CA TRP B 142 -20.28 5.83 -12.23
C TRP B 142 -19.25 6.76 -12.85
N VAL B 143 -18.45 7.44 -12.04
CA VAL B 143 -17.34 8.24 -12.56
C VAL B 143 -16.02 7.61 -12.08
N ILE B 144 -15.18 7.24 -13.04
CA ILE B 144 -13.95 6.49 -12.77
C ILE B 144 -12.82 7.21 -13.45
N ASP B 145 -12.15 8.11 -12.74
CA ASP B 145 -10.95 8.77 -13.31
C ASP B 145 -9.58 8.48 -12.66
N ASP B 146 -9.45 7.48 -11.75
CA ASP B 146 -8.19 7.31 -11.00
C ASP B 146 -7.82 5.82 -10.70
N CYS B 147 -6.70 5.33 -11.19
CA CYS B 147 -6.19 4.00 -10.80
C CYS B 147 -5.53 4.14 -9.42
N ILE B 148 -5.87 3.28 -8.47
CA ILE B 148 -5.19 3.37 -7.19
C ILE B 148 -4.11 2.31 -6.93
N GLY B 149 -4.15 1.22 -7.68
CA GLY B 149 -3.12 0.18 -7.55
C GLY B 149 -3.38 -0.99 -8.48
N ASN B 150 -2.40 -1.90 -8.54
CA ASN B 150 -2.40 -3.10 -9.36
C ASN B 150 -1.85 -4.27 -8.54
N TRP B 151 -2.50 -5.43 -8.64
CA TRP B 151 -2.07 -6.67 -7.97
C TRP B 151 -1.98 -7.78 -9.01
N TRP B 152 -0.95 -8.62 -8.90
CA TRP B 152 -0.66 -9.60 -9.94
C TRP B 152 -0.58 -10.98 -9.29
N ARG B 153 -1.18 -11.97 -9.95
CA ARG B 153 -1.13 -13.35 -9.48
C ARG B 153 -0.13 -14.10 -10.37
N PRO B 154 1.05 -14.44 -9.82
CA PRO B 154 2.07 -15.09 -10.65
C PRO B 154 1.76 -16.55 -11.08
N ASN B 155 1.00 -17.26 -10.25
CA ASN B 155 0.62 -18.66 -10.50
C ASN B 155 -0.87 -18.90 -10.38
N PHE B 156 -1.27 -20.17 -10.60
CA PHE B 156 -2.66 -20.55 -10.47
C PHE B 156 -2.95 -20.91 -9.05
N GLU B 157 -2.74 -19.91 -8.20
CA GLU B 157 -2.69 -20.07 -6.78
C GLU B 157 -3.13 -18.78 -6.08
N PRO B 158 -3.50 -18.87 -4.79
CA PRO B 158 -3.97 -17.66 -4.10
C PRO B 158 -3.03 -16.43 -3.98
N PRO B 159 -1.70 -16.61 -3.88
CA PRO B 159 -0.92 -15.38 -3.64
C PRO B 159 -0.95 -14.29 -4.74
N GLN B 160 -1.05 -13.05 -4.29
CA GLN B 160 -1.05 -11.90 -5.16
C GLN B 160 -0.12 -10.84 -4.54
N TYR B 161 0.58 -10.11 -5.40
CA TYR B 161 1.58 -9.14 -5.03
C TYR B 161 1.33 -7.84 -5.81
N PRO B 162 1.78 -6.72 -5.22
CA PRO B 162 1.59 -5.44 -5.93
C PRO B 162 2.67 -5.14 -6.95
N TYR B 163 3.38 -6.18 -7.44
CA TYR B 163 4.39 -6.13 -8.46
C TYR B 163 4.44 -7.52 -9.12
N ILE B 164 5.10 -7.63 -10.26
CA ILE B 164 5.27 -8.88 -10.92
C ILE B 164 6.64 -9.42 -10.49
N PRO B 165 6.68 -10.60 -9.84
CA PRO B 165 7.99 -11.16 -9.47
C PRO B 165 8.87 -11.27 -10.68
N ALA B 166 10.17 -11.13 -10.48
CA ALA B 166 11.11 -11.03 -11.60
C ALA B 166 11.20 -12.28 -12.50
N HIS B 167 10.85 -13.43 -11.95
CA HIS B 167 10.98 -14.66 -12.69
C HIS B 167 9.71 -14.96 -13.50
N ILE B 168 8.68 -14.15 -13.33
CA ILE B 168 7.40 -14.36 -13.99
C ILE B 168 7.18 -13.37 -15.13
N THR B 169 7.29 -13.80 -16.39
CA THR B 169 6.99 -12.92 -17.52
C THR B 169 5.52 -13.04 -17.93
N LYS B 170 4.85 -14.10 -17.48
CA LYS B 170 3.45 -14.36 -17.79
C LYS B 170 2.59 -14.52 -16.55
N PRO B 171 2.25 -13.40 -15.88
CA PRO B 171 1.36 -13.56 -14.73
C PRO B 171 0.00 -14.07 -15.17
N LYS B 172 -0.68 -14.73 -14.26
CA LYS B 172 -1.92 -15.41 -14.58
C LYS B 172 -3.13 -14.53 -14.38
N GLU B 173 -2.99 -13.48 -13.57
CA GLU B 173 -4.07 -12.52 -13.39
C GLU B 173 -3.49 -11.14 -13.08
N HIS B 174 -4.14 -10.13 -13.64
CA HIS B 174 -3.86 -8.74 -13.38
C HIS B 174 -5.14 -8.12 -12.82
N LYS B 175 -5.07 -7.70 -11.55
CA LYS B 175 -6.17 -7.03 -10.87
C LYS B 175 -5.86 -5.55 -10.73
N LYS B 176 -6.74 -4.71 -11.31
CA LYS B 176 -6.57 -3.26 -11.30
C LYS B 176 -7.66 -2.64 -10.45
N LEU B 177 -7.25 -1.77 -9.51
CA LEU B 177 -8.14 -1.09 -8.60
C LEU B 177 -8.32 0.38 -9.02
N PHE B 178 -9.58 0.82 -9.04
CA PHE B 178 -9.93 2.22 -9.38
C PHE B 178 -10.74 2.87 -8.27
N LEU B 179 -10.54 4.19 -8.07
CA LEU B 179 -11.41 4.95 -7.22
C LEU B 179 -12.63 5.26 -8.05
N VAL B 180 -13.80 4.99 -7.51
CA VAL B 180 -15.06 5.27 -8.21
C VAL B 180 -15.69 6.43 -7.51
N GLN B 181 -15.79 7.57 -8.18
CA GLN B 181 -16.35 8.76 -7.58
C GLN B 181 -17.87 8.63 -7.61
N LEU B 182 -18.50 8.75 -6.46
CA LEU B 182 -19.97 8.63 -6.40
C LEU B 182 -20.69 9.95 -6.63
N GLN B 183 -21.90 9.85 -7.15
CA GLN B 183 -22.86 10.93 -7.15
C GLN B 183 -23.18 11.33 -5.74
N GLU B 184 -23.72 12.54 -5.62
CA GLU B 184 -24.07 13.12 -4.33
C GLU B 184 -25.04 12.20 -3.57
N LYS B 185 -26.00 11.60 -4.29
CA LYS B 185 -26.95 10.65 -3.70
C LYS B 185 -27.15 9.47 -4.65
N ALA B 186 -27.41 8.29 -4.07
CA ALA B 186 -27.67 7.08 -4.83
C ALA B 186 -28.24 5.97 -3.93
N LEU B 187 -28.94 5.06 -4.59
CA LEU B 187 -29.49 3.86 -4.00
C LEU B 187 -28.66 2.72 -4.55
N PHE B 188 -28.14 1.86 -3.68
CA PHE B 188 -27.37 0.72 -4.12
C PHE B 188 -28.17 -0.52 -3.81
N ALA B 189 -28.36 -1.38 -4.80
CA ALA B 189 -29.11 -2.64 -4.59
C ALA B 189 -28.11 -3.77 -4.50
N VAL B 190 -28.06 -4.40 -3.34
CA VAL B 190 -27.06 -5.39 -3.01
C VAL B 190 -27.64 -6.81 -3.18
N PRO B 191 -26.97 -7.70 -3.90
CA PRO B 191 -27.48 -9.09 -3.92
C PRO B 191 -27.62 -9.64 -2.51
N LYS B 192 -28.78 -10.23 -2.20
CA LYS B 192 -29.11 -10.59 -0.82
C LYS B 192 -28.20 -11.62 -0.13
N ASN B 193 -27.37 -12.33 -0.88
CA ASN B 193 -26.37 -13.19 -0.26
C ASN B 193 -25.17 -12.38 0.28
N TYR B 194 -25.13 -11.08 -0.02
CA TYR B 194 -24.08 -10.20 0.52
C TYR B 194 -24.66 -9.12 1.39
N LYS B 195 -23.83 -8.62 2.28
CA LYS B 195 -24.07 -7.40 3.02
C LYS B 195 -23.12 -6.34 2.46
N LEU B 196 -23.56 -5.11 2.36
CA LEU B 196 -22.68 -4.02 2.00
C LEU B 196 -22.35 -3.33 3.33
N VAL B 197 -21.06 -3.16 3.61
CA VAL B 197 -20.63 -2.48 4.84
C VAL B 197 -19.73 -1.26 4.51
N ALA B 198 -19.84 -0.20 5.33
CA ALA B 198 -19.04 0.99 5.18
C ALA B 198 -17.95 0.84 6.22
N ALA B 199 -16.75 0.50 5.78
CA ALA B 199 -15.65 0.24 6.73
C ALA B 199 -14.75 1.46 6.87
N PRO B 200 -14.52 1.94 8.11
CA PRO B 200 -13.64 3.11 8.22
C PRO B 200 -12.22 2.69 7.96
N LEU B 201 -11.40 3.64 7.51
CA LEU B 201 -10.06 3.28 7.09
C LEU B 201 -9.26 2.68 8.24
N PHE B 202 -9.49 3.11 9.47
CA PHE B 202 -8.70 2.56 10.61
C PHE B 202 -8.98 1.06 10.90
N GLU B 203 -10.16 0.59 10.50
CA GLU B 203 -10.51 -0.84 10.64
C GLU B 203 -9.71 -1.70 9.68
N LEU B 204 -9.40 -1.14 8.51
CA LEU B 204 -8.64 -1.83 7.46
C LEU B 204 -7.14 -1.82 7.70
N TYR B 205 -6.64 -0.70 8.23
CA TYR B 205 -5.22 -0.45 8.31
C TYR B 205 -4.54 -1.51 9.17
N ASP B 206 -3.49 -2.10 8.61
CA ASP B 206 -2.68 -3.18 9.21
C ASP B 206 -3.57 -4.34 9.67
N ASN B 207 -4.61 -4.64 8.89
CA ASN B 207 -5.51 -5.70 9.25
C ASN B 207 -5.66 -6.67 8.08
N ALA B 208 -4.52 -7.16 7.63
CA ALA B 208 -4.49 -8.20 6.63
C ALA B 208 -5.17 -9.52 7.12
N PRO B 209 -5.07 -9.83 8.44
CA PRO B 209 -5.78 -11.03 8.90
C PRO B 209 -7.29 -10.92 8.70
N GLY B 210 -7.85 -9.74 8.95
CA GLY B 210 -9.25 -9.52 8.77
C GLY B 210 -9.69 -9.31 7.33
N TYR B 211 -8.89 -8.62 6.53
CA TYR B 211 -9.33 -8.18 5.21
C TYR B 211 -8.49 -8.64 4.01
N GLY B 212 -7.34 -9.25 4.27
CA GLY B 212 -6.40 -9.65 3.21
C GLY B 212 -5.52 -8.47 2.81
N PRO B 213 -4.49 -8.75 2.00
CA PRO B 213 -3.48 -7.76 1.71
C PRO B 213 -3.94 -6.59 0.85
N ILE B 214 -4.99 -6.80 0.04
CA ILE B 214 -5.42 -5.82 -0.94
C ILE B 214 -6.28 -4.81 -0.25
N ILE B 215 -7.31 -5.27 0.45
CA ILE B 215 -8.21 -4.37 1.18
C ILE B 215 -7.48 -3.65 2.33
N SER B 216 -6.60 -4.37 3.02
CA SER B 216 -5.91 -3.81 4.14
C SER B 216 -4.93 -2.68 3.78
N SER B 217 -4.52 -2.62 2.51
CA SER B 217 -3.60 -1.61 1.93
CA SER B 217 -3.59 -1.57 2.08
C SER B 217 -4.32 -0.36 1.45
N LEU B 218 -5.65 -0.41 1.42
CA LEU B 218 -6.38 0.74 0.89
C LEU B 218 -6.12 2.08 1.62
N PRO B 219 -6.00 2.06 2.96
CA PRO B 219 -5.70 3.32 3.64
C PRO B 219 -4.44 3.99 3.03
N GLN B 220 -3.37 3.21 2.89
CA GLN B 220 -2.15 3.68 2.24
C GLN B 220 -2.44 4.21 0.84
N LEU B 221 -3.17 3.43 0.04
CA LEU B 221 -3.45 3.79 -1.33
C LEU B 221 -4.38 4.99 -1.51
N LEU B 222 -5.16 5.30 -0.51
CA LEU B 222 -6.06 6.43 -0.57
C LEU B 222 -5.42 7.70 0.05
N SER B 223 -4.28 7.54 0.72
CA SER B 223 -3.71 8.63 1.52
C SER B 223 -3.33 9.87 0.69
N ARG B 224 -2.98 9.67 -0.57
CA ARG B 224 -2.60 10.77 -1.46
C ARG B 224 -3.72 11.69 -1.85
N PHE B 225 -4.96 11.25 -1.64
CA PHE B 225 -6.10 12.04 -2.14
C PHE B 225 -6.45 13.13 -1.15
N ASN B 226 -6.78 14.30 -1.70
CA ASN B 226 -7.33 15.38 -0.93
C ASN B 226 -8.85 15.30 -0.98
N PHE B 227 -9.42 14.73 0.08
CA PHE B 227 -10.84 14.48 0.18
C PHE B 227 -11.58 15.69 0.73
N ILE B 228 -12.68 16.05 0.09
CA ILE B 228 -13.57 17.10 0.55
C ILE B 228 -14.79 16.45 1.18
N TYR B 229 -15.02 16.76 2.44
CA TYR B 229 -16.11 16.17 3.20
C TYR B 229 -17.36 16.98 3.07
N ASN B 230 -18.14 16.72 2.04
CA ASN B 230 -19.34 17.50 1.78
C ASN B 230 -20.47 17.26 2.79
N ALA C 56 4.00 -36.85 -14.84
CA ALA C 56 5.47 -37.03 -14.67
C ALA C 56 6.15 -35.66 -14.54
N ALA C 57 7.14 -35.58 -13.67
CA ALA C 57 7.76 -34.29 -13.37
C ALA C 57 9.21 -34.46 -12.98
N VAL C 58 9.98 -33.37 -13.10
CA VAL C 58 11.37 -33.30 -12.69
C VAL C 58 11.53 -32.00 -11.88
N TYR C 59 12.61 -31.92 -11.13
CA TYR C 59 13.10 -30.68 -10.53
C TYR C 59 14.28 -30.23 -11.32
N VAL C 60 14.33 -28.92 -11.60
CA VAL C 60 15.47 -28.32 -12.27
C VAL C 60 16.03 -27.16 -11.40
N GLY C 61 17.34 -27.07 -11.29
CA GLY C 61 17.98 -26.05 -10.48
C GLY C 61 19.48 -26.29 -10.43
N SER C 62 20.24 -25.38 -9.82
CA SER C 62 19.77 -24.18 -9.17
C SER C 62 20.11 -23.02 -10.05
N PHE C 63 19.33 -21.96 -9.96
CA PHE C 63 19.57 -20.81 -10.84
C PHE C 63 19.19 -19.53 -10.08
N SER C 64 19.50 -18.37 -10.65
CA SER C 64 19.20 -17.10 -9.99
C SER C 64 17.70 -16.78 -9.83
N TRP C 65 17.37 -15.87 -8.92
CA TRP C 65 15.99 -15.47 -8.73
C TRP C 65 15.39 -14.64 -9.88
N TRP C 66 16.21 -14.15 -10.78
CA TRP C 66 15.75 -13.48 -11.99
C TRP C 66 15.74 -14.39 -13.23
N THR C 67 16.01 -15.68 -13.07
CA THR C 67 15.80 -16.64 -14.17
C THR C 67 14.30 -16.78 -14.39
N THR C 68 13.83 -16.57 -15.62
CA THR C 68 12.39 -16.46 -15.87
C THR C 68 11.73 -17.74 -16.36
N ASP C 69 10.43 -17.80 -16.18
CA ASP C 69 9.58 -18.77 -16.82
C ASP C 69 9.89 -18.93 -18.33
N GLN C 70 10.05 -17.83 -19.01
CA GLN C 70 10.32 -17.84 -20.46
C GLN C 70 11.68 -18.45 -20.79
N GLN C 71 12.69 -18.16 -19.98
CA GLN C 71 14.01 -18.75 -20.19
C GLN C 71 14.01 -20.26 -19.95
N LEU C 72 13.29 -20.72 -18.95
CA LEU C 72 13.20 -22.14 -18.64
C LEU C 72 12.43 -22.87 -19.78
N ILE C 73 11.31 -22.31 -20.21
CA ILE C 73 10.55 -22.89 -21.30
C ILE C 73 11.36 -22.93 -22.60
N GLN C 74 12.17 -21.92 -22.87
CA GLN C 74 13.00 -21.91 -24.08
C GLN C 74 14.10 -22.97 -24.06
N VAL C 75 14.75 -23.19 -22.94
CA VAL C 75 15.74 -24.24 -22.87
C VAL C 75 15.07 -25.62 -22.96
N ILE C 76 13.91 -25.78 -22.38
CA ILE C 76 13.15 -27.02 -22.51
C ILE C 76 12.75 -27.27 -23.99
N ARG C 77 12.27 -26.25 -24.67
CA ARG C 77 11.96 -26.34 -26.11
C ARG C 77 13.19 -26.74 -26.93
N SER C 78 14.34 -26.18 -26.56
CA SER C 78 15.62 -26.43 -27.22
C SER C 78 16.07 -27.90 -27.13
N ILE C 79 15.54 -28.67 -26.20
CA ILE C 79 15.87 -30.12 -26.17
C ILE C 79 14.73 -30.97 -26.74
N GLY C 80 13.74 -30.30 -27.33
CA GLY C 80 12.69 -30.99 -28.07
C GLY C 80 11.46 -31.33 -27.26
N VAL C 81 11.28 -30.67 -26.12
CA VAL C 81 10.14 -30.95 -25.23
C VAL C 81 9.10 -29.86 -25.36
N TYR C 82 7.89 -30.24 -25.81
CA TYR C 82 6.81 -29.26 -26.05
C TYR C 82 5.53 -29.56 -25.30
N ASP C 83 5.54 -30.54 -24.39
CA ASP C 83 4.33 -30.88 -23.62
C ASP C 83 4.46 -30.55 -22.10
N VAL C 84 5.11 -29.42 -21.80
CA VAL C 84 5.16 -28.91 -20.45
C VAL C 84 3.75 -28.50 -20.08
N VAL C 85 3.23 -29.16 -19.04
CA VAL C 85 1.91 -28.88 -18.49
CA VAL C 85 1.89 -28.81 -18.53
C VAL C 85 1.97 -27.77 -17.42
N GLU C 86 3.06 -27.74 -16.64
CA GLU C 86 3.21 -26.68 -15.63
C GLU C 86 4.67 -26.44 -15.26
N LEU C 87 5.04 -25.16 -15.13
CA LEU C 87 6.29 -24.76 -14.52
C LEU C 87 5.99 -24.09 -13.20
N LYS C 88 6.41 -24.74 -12.11
CA LYS C 88 6.19 -24.20 -10.78
C LYS C 88 7.52 -23.90 -10.13
N PHE C 89 7.86 -22.63 -10.04
CA PHE C 89 9.05 -22.21 -9.33
C PHE C 89 8.82 -22.36 -7.82
N ALA C 90 9.85 -22.81 -7.12
CA ALA C 90 9.85 -22.70 -5.66
C ALA C 90 9.97 -21.18 -5.36
N GLU C 91 9.13 -20.70 -4.47
CA GLU C 91 9.01 -19.28 -4.18
C GLU C 91 8.85 -19.05 -2.69
N ASN C 92 9.38 -17.92 -2.26
CA ASN C 92 9.02 -17.36 -0.97
C ASN C 92 7.58 -16.85 -1.09
N ARG C 93 6.64 -17.49 -0.39
CA ARG C 93 5.24 -17.07 -0.41
C ARG C 93 4.98 -15.62 0.05
N ALA C 94 5.72 -15.16 1.07
CA ALA C 94 5.55 -13.81 1.63
C ALA C 94 5.73 -12.69 0.59
N ASN C 95 6.70 -12.86 -0.30
CA ASN C 95 7.03 -11.79 -1.28
C ASN C 95 7.18 -12.22 -2.73
N GLY C 96 6.98 -13.52 -3.00
CA GLY C 96 6.96 -14.03 -4.38
C GLY C 96 8.31 -14.26 -5.01
N GLN C 97 9.41 -14.00 -4.32
CA GLN C 97 10.73 -14.17 -4.89
C GLN C 97 11.02 -15.67 -5.15
N SER C 98 11.60 -15.96 -6.31
CA SER C 98 11.97 -17.31 -6.71
C SER C 98 13.13 -17.76 -5.82
N LYS C 99 13.08 -19.01 -5.39
CA LYS C 99 14.16 -19.59 -4.59
C LYS C 99 15.17 -20.33 -5.47
N GLY C 100 14.99 -20.27 -6.78
CA GLY C 100 16.01 -20.69 -7.70
C GLY C 100 15.97 -22.15 -8.13
N TYR C 101 14.84 -22.82 -7.94
CA TYR C 101 14.60 -24.11 -8.58
C TYR C 101 13.12 -24.23 -8.91
N ALA C 102 12.80 -25.17 -9.77
CA ALA C 102 11.43 -25.30 -10.26
C ALA C 102 11.06 -26.75 -10.49
N GLU C 103 9.76 -27.04 -10.37
CA GLU C 103 9.20 -28.29 -10.80
C GLU C 103 8.66 -28.10 -12.22
N VAL C 104 9.11 -28.98 -13.11
CA VAL C 104 8.65 -29.00 -14.51
C VAL C 104 7.76 -30.25 -14.68
N VAL C 105 6.46 -30.05 -14.89
CA VAL C 105 5.51 -31.14 -15.04
C VAL C 105 5.24 -31.26 -16.56
N VAL C 106 5.38 -32.47 -17.08
CA VAL C 106 5.21 -32.76 -18.52
C VAL C 106 4.09 -33.80 -18.70
N ALA C 107 3.55 -33.90 -19.92
CA ALA C 107 2.42 -34.77 -20.15
C ALA C 107 2.85 -36.23 -20.33
N SER C 108 4.11 -36.49 -20.61
CA SER C 108 4.56 -37.80 -21.02
C SER C 108 5.86 -38.25 -20.36
N GLU C 109 6.02 -39.55 -20.19
CA GLU C 109 7.30 -40.08 -19.74
C GLU C 109 8.41 -39.91 -20.77
N ASN C 110 8.07 -39.93 -22.07
CA ASN C 110 9.05 -39.63 -23.08
C ASN C 110 9.72 -38.27 -22.79
N SER C 111 8.93 -37.25 -22.47
CA SER C 111 9.53 -35.95 -22.13
C SER C 111 10.32 -35.99 -20.83
N VAL C 112 9.91 -36.78 -19.84
CA VAL C 112 10.71 -36.86 -18.60
C VAL C 112 12.05 -37.48 -18.90
N HIS C 113 12.08 -38.52 -19.74
CA HIS C 113 13.35 -39.11 -20.18
C HIS C 113 14.23 -38.09 -20.89
N LYS C 114 13.66 -37.30 -21.79
CA LYS C 114 14.45 -36.27 -22.49
C LYS C 114 15.01 -35.17 -21.55
N LEU C 115 14.18 -34.68 -20.66
CA LEU C 115 14.62 -33.72 -19.64
C LEU C 115 15.80 -34.29 -18.82
N LEU C 116 15.67 -35.53 -18.34
CA LEU C 116 16.70 -36.11 -17.49
C LEU C 116 18.01 -36.32 -18.25
N GLU C 117 17.94 -36.61 -19.54
CA GLU C 117 19.18 -36.86 -20.31
C GLU C 117 19.76 -35.61 -20.93
N LEU C 118 18.93 -34.75 -21.48
CA LEU C 118 19.41 -33.66 -22.33
C LEU C 118 19.56 -32.32 -21.60
N LEU C 119 18.78 -32.10 -20.54
CA LEU C 119 18.78 -30.77 -19.86
C LEU C 119 19.97 -30.55 -18.92
N PRO C 120 20.41 -31.57 -18.16
CA PRO C 120 21.57 -31.32 -17.28
C PRO C 120 22.77 -30.76 -18.04
N GLY C 121 23.47 -29.79 -17.47
CA GLY C 121 24.61 -29.16 -18.12
C GLY C 121 24.29 -27.90 -18.91
N LYS C 122 23.04 -27.77 -19.36
CA LYS C 122 22.61 -26.57 -20.07
C LYS C 122 22.71 -25.39 -19.15
N VAL C 123 22.86 -24.21 -19.73
CA VAL C 123 23.18 -23.03 -18.97
C VAL C 123 22.01 -22.06 -18.95
N LEU C 124 21.64 -21.60 -17.75
CA LEU C 124 20.66 -20.55 -17.54
C LEU C 124 21.34 -19.42 -16.78
N ASN C 125 21.47 -18.24 -17.41
CA ASN C 125 22.10 -17.09 -16.77
C ASN C 125 23.43 -17.46 -16.12
N GLY C 126 24.32 -18.06 -16.92
CA GLY C 126 25.66 -18.39 -16.44
C GLY C 126 25.81 -19.61 -15.55
N GLU C 127 24.70 -20.23 -15.12
CA GLU C 127 24.80 -21.43 -14.28
C GLU C 127 24.37 -22.72 -15.02
N LYS C 128 25.08 -23.80 -14.77
CA LYS C 128 24.74 -25.10 -15.35
C LYS C 128 23.69 -25.76 -14.45
N VAL C 129 22.60 -26.25 -15.04
CA VAL C 129 21.50 -26.81 -14.23
C VAL C 129 21.62 -28.31 -14.02
N ASP C 130 21.08 -28.77 -12.89
CA ASP C 130 20.95 -30.15 -12.55
C ASP C 130 19.47 -30.45 -12.77
N VAL C 131 19.18 -31.68 -13.14
CA VAL C 131 17.79 -32.10 -13.29
C VAL C 131 17.63 -33.48 -12.68
N ARG C 132 16.61 -33.66 -11.88
CA ARG C 132 16.35 -34.91 -11.19
C ARG C 132 14.86 -35.21 -11.18
N PRO C 133 14.48 -36.49 -11.07
CA PRO C 133 13.11 -36.88 -10.86
C PRO C 133 12.48 -36.20 -9.65
N ALA C 134 11.22 -35.83 -9.80
CA ALA C 134 10.49 -35.12 -8.78
C ALA C 134 10.02 -36.06 -7.70
N THR C 135 10.93 -36.49 -6.84
CA THR C 135 10.60 -37.31 -5.69
C THR C 135 10.77 -36.47 -4.41
N ARG C 136 10.20 -36.97 -3.32
CA ARG C 136 10.32 -36.28 -2.03
C ARG C 136 11.79 -36.09 -1.61
N GLN C 137 12.61 -37.10 -1.88
CA GLN C 137 14.03 -37.00 -1.53
C GLN C 137 14.70 -35.87 -2.35
N ASN C 138 14.43 -35.83 -3.65
CA ASN C 138 15.04 -34.82 -4.48
C ASN C 138 14.49 -33.40 -4.13
N LEU C 139 13.24 -33.29 -3.76
CA LEU C 139 12.68 -32.01 -3.32
C LEU C 139 13.40 -31.51 -2.05
N SER C 140 13.59 -32.41 -1.10
CA SER C 140 14.35 -32.08 0.11
C SER C 140 15.75 -31.59 -0.20
N GLN C 141 16.44 -32.23 -1.15
CA GLN C 141 17.78 -31.82 -1.55
C GLN C 141 17.83 -30.47 -2.28
N PHE C 142 16.89 -30.23 -3.20
CA PHE C 142 16.82 -28.89 -3.84
C PHE C 142 16.51 -27.76 -2.84
N GLU C 143 15.57 -28.00 -1.94
CA GLU C 143 15.19 -27.01 -0.92
C GLU C 143 16.37 -26.73 0.05
N ALA C 144 17.12 -27.77 0.41
CA ALA C 144 18.29 -27.61 1.31
C ALA C 144 19.35 -26.74 0.63
N GLN C 145 19.56 -26.97 -0.67
CA GLN C 145 20.48 -26.17 -1.47
C GLN C 145 20.00 -24.70 -1.58
N ALA C 146 18.71 -24.49 -1.81
CA ALA C 146 18.14 -23.15 -1.87
C ALA C 146 18.30 -22.41 -0.52
N ARG C 147 17.99 -23.09 0.59
CA ARG C 147 18.18 -22.53 1.94
C ARG C 147 19.63 -22.18 2.23
N LYS C 148 20.55 -22.98 1.70
CA LYS C 148 21.98 -22.79 1.84
C LYS C 148 22.50 -21.62 0.98
N ARG C 149 21.80 -21.30 -0.11
CA ARG C 149 22.10 -20.09 -0.90
C ARG C 149 21.56 -18.82 -0.27
N GLU C 150 20.37 -18.91 0.35
CA GLU C 150 19.71 -17.73 0.93
C GLU C 150 20.66 -16.98 1.85
N CYS C 151 21.48 -17.73 2.60
CA CYS C 151 22.57 -17.14 3.38
C CYS C 151 23.64 -16.57 2.44
N VAL D 58 -6.82 13.86 35.98
CA VAL D 58 -8.27 13.59 35.71
C VAL D 58 -8.44 12.70 34.47
N TYR D 59 -9.39 11.77 34.55
CA TYR D 59 -9.83 10.97 33.40
C TYR D 59 -11.27 11.32 33.08
N VAL D 60 -11.60 11.34 31.78
CA VAL D 60 -12.95 11.64 31.31
C VAL D 60 -13.36 10.63 30.24
N GLY D 61 -14.65 10.27 30.24
CA GLY D 61 -15.20 9.29 29.31
C GLY D 61 -16.48 8.68 29.87
N SER D 62 -17.03 7.64 29.23
CA SER D 62 -16.60 7.20 27.92
C SER D 62 -17.42 7.92 26.86
N PHE D 63 -16.78 8.16 25.71
CA PHE D 63 -17.46 8.75 24.55
C PHE D 63 -17.03 8.02 23.28
N SER D 64 -17.64 8.39 22.15
CA SER D 64 -17.41 7.71 20.88
C SER D 64 -16.00 7.99 20.33
N TRP D 65 -15.59 7.21 19.33
CA TRP D 65 -14.24 7.37 18.77
C TRP D 65 -14.10 8.58 17.81
N TRP D 66 -15.21 9.24 17.47
CA TRP D 66 -15.18 10.48 16.66
C TRP D 66 -15.38 11.74 17.51
N THR D 67 -15.45 11.56 18.83
CA THR D 67 -15.45 12.70 19.75
C THR D 67 -14.04 13.28 19.70
N THR D 68 -13.92 14.56 19.32
CA THR D 68 -12.62 15.18 19.07
C THR D 68 -12.06 15.91 20.29
N ASP D 69 -10.74 16.12 20.28
CA ASP D 69 -10.11 16.94 21.29
C ASP D 69 -10.70 18.36 21.35
N GLN D 70 -11.14 18.88 20.21
CA GLN D 70 -11.79 20.21 20.16
C GLN D 70 -13.16 20.19 20.87
N GLN D 71 -13.95 19.16 20.61
CA GLN D 71 -15.26 19.00 21.28
C GLN D 71 -15.12 18.89 22.80
N LEU D 72 -14.18 18.06 23.23
CA LEU D 72 -13.88 17.85 24.64
C LEU D 72 -13.42 19.13 25.34
N ILE D 73 -12.70 19.98 24.61
CA ILE D 73 -12.17 21.23 25.15
C ILE D 73 -13.29 22.25 25.40
N GLN D 74 -14.19 22.41 24.44
CA GLN D 74 -15.29 23.37 24.55
C GLN D 74 -16.23 23.05 25.72
N VAL D 75 -16.48 21.77 25.96
CA VAL D 75 -17.30 21.30 27.09
C VAL D 75 -16.62 21.61 28.44
N ILE D 76 -15.28 21.62 28.44
CA ILE D 76 -14.49 21.92 29.64
C ILE D 76 -14.48 23.43 29.95
N ARG D 77 -14.54 24.26 28.91
CA ARG D 77 -14.56 25.72 29.08
C ARG D 77 -15.91 26.24 29.56
N SER D 78 -16.99 25.53 29.24
CA SER D 78 -18.34 25.97 29.58
C SER D 78 -18.69 25.80 31.08
N ILE D 79 -17.87 25.06 31.82
CA ILE D 79 -17.98 24.98 33.29
C ILE D 79 -17.04 25.97 33.99
N GLY D 80 -15.99 26.40 33.28
CA GLY D 80 -15.08 27.43 33.77
C GLY D 80 -13.66 26.95 33.99
N VAL D 81 -13.26 25.90 33.27
CA VAL D 81 -11.88 25.41 33.33
C VAL D 81 -11.14 25.85 32.06
N TYR D 82 -10.37 26.94 32.20
CA TYR D 82 -9.52 27.46 31.14
C TYR D 82 -8.04 27.16 31.43
N ASP D 83 -7.78 26.38 32.47
CA ASP D 83 -6.41 26.05 32.90
C ASP D 83 -5.93 24.68 32.39
N VAL D 84 -6.44 24.26 31.23
CA VAL D 84 -6.10 22.97 30.63
C VAL D 84 -4.74 23.03 29.93
N VAL D 85 -3.80 22.19 30.36
CA VAL D 85 -2.47 22.13 29.76
C VAL D 85 -2.46 21.28 28.50
N GLU D 86 -3.09 20.10 28.59
CA GLU D 86 -2.97 19.08 27.53
C GLU D 86 -4.01 17.96 27.65
N LEU D 87 -4.54 17.53 26.50
CA LEU D 87 -5.47 16.39 26.41
C LEU D 87 -4.76 15.19 25.79
N LYS D 88 -4.92 14.02 26.39
CA LYS D 88 -4.35 12.80 25.82
C LYS D 88 -5.36 11.66 25.80
N PHE D 89 -5.79 11.27 24.60
CA PHE D 89 -6.76 10.18 24.44
C PHE D 89 -6.06 8.84 24.53
N ALA D 90 -6.68 7.90 25.25
CA ALA D 90 -6.32 6.50 25.10
C ALA D 90 -6.63 6.09 23.65
N GLU D 91 -5.69 5.37 23.03
CA GLU D 91 -5.80 5.05 21.61
C GLU D 91 -5.33 3.64 21.37
N ASN D 92 -5.95 2.98 20.41
CA ASN D 92 -5.40 1.78 19.82
C ASN D 92 -4.14 2.15 19.02
N ARG D 93 -2.97 1.68 19.45
CA ARG D 93 -1.70 2.05 18.80
C ARG D 93 -1.57 1.49 17.38
N ALA D 94 -2.12 0.29 17.17
CA ALA D 94 -2.11 -0.36 15.84
C ALA D 94 -2.74 0.49 14.71
N ASN D 95 -3.84 1.20 14.98
CA ASN D 95 -4.55 1.99 13.95
C ASN D 95 -4.96 3.40 14.37
N GLY D 96 -4.61 3.81 15.59
CA GLY D 96 -4.84 5.17 16.03
C GLY D 96 -6.22 5.51 16.50
N GLN D 97 -7.11 4.52 16.53
CA GLN D 97 -8.50 4.74 16.93
C GLN D 97 -8.58 5.09 18.41
N SER D 98 -9.38 6.10 18.74
CA SER D 98 -9.64 6.48 20.12
C SER D 98 -10.40 5.37 20.84
N LYS D 99 -9.99 5.08 22.08
CA LYS D 99 -10.68 4.11 22.94
C LYS D 99 -11.79 4.75 23.76
N GLY D 100 -12.11 6.02 23.47
CA GLY D 100 -13.23 6.74 24.07
C GLY D 100 -13.03 7.37 25.45
N TYR D 101 -11.79 7.39 25.94
CA TYR D 101 -11.46 8.20 27.13
C TYR D 101 -10.15 8.95 26.98
N ALA D 102 -10.00 9.99 27.80
CA ALA D 102 -8.87 10.90 27.73
C ALA D 102 -8.33 11.24 29.11
N GLU D 103 -7.00 11.35 29.22
CA GLU D 103 -6.39 12.00 30.39
C GLU D 103 -6.33 13.51 30.16
N VAL D 104 -7.02 14.28 31.01
CA VAL D 104 -6.90 15.74 31.01
C VAL D 104 -5.90 16.19 32.06
N VAL D 105 -5.02 17.11 31.67
CA VAL D 105 -4.03 17.69 32.57
C VAL D 105 -4.29 19.20 32.67
N VAL D 106 -4.75 19.62 33.84
CA VAL D 106 -4.90 21.05 34.17
C VAL D 106 -3.58 21.80 34.00
N VAL D 112 -8.49 21.15 38.88
CA VAL D 112 -8.82 19.74 39.01
C VAL D 112 -10.23 19.55 39.55
N HIS D 113 -10.47 20.05 40.75
CA HIS D 113 -11.76 19.85 41.45
C HIS D 113 -12.94 20.56 40.77
N LYS D 114 -12.63 21.50 39.88
CA LYS D 114 -13.65 22.11 39.01
C LYS D 114 -14.19 21.10 37.99
N LEU D 115 -13.29 20.27 37.47
CA LEU D 115 -13.63 19.23 36.49
C LEU D 115 -14.30 18.01 37.15
N LEU D 116 -13.89 17.67 38.36
CA LEU D 116 -14.47 16.53 39.08
C LEU D 116 -15.93 16.81 39.47
N GLU D 117 -16.25 18.08 39.70
CA GLU D 117 -17.53 18.49 40.27
C GLU D 117 -18.54 18.93 39.22
N LEU D 118 -18.18 19.94 38.44
CA LEU D 118 -19.12 20.59 37.51
C LEU D 118 -19.24 19.87 36.15
N LEU D 119 -18.23 19.09 35.77
CA LEU D 119 -18.21 18.44 34.44
C LEU D 119 -19.09 17.20 34.32
N PRO D 120 -19.07 16.28 35.32
CA PRO D 120 -20.04 15.19 35.24
C PRO D 120 -21.46 15.73 35.12
N GLY D 121 -22.36 14.93 34.57
CA GLY D 121 -23.72 15.39 34.32
C GLY D 121 -23.82 16.33 33.12
N LYS D 122 -22.80 16.30 32.26
CA LYS D 122 -22.84 16.97 30.95
C LYS D 122 -22.89 15.88 29.88
N VAL D 123 -23.65 16.12 28.83
CA VAL D 123 -23.87 15.11 27.77
C VAL D 123 -23.12 15.50 26.49
N LEU D 124 -22.16 14.67 26.10
CA LEU D 124 -21.30 14.94 24.93
C LEU D 124 -21.57 13.94 23.82
N ASN D 125 -22.00 14.44 22.66
CA ASN D 125 -22.40 13.58 21.53
C ASN D 125 -23.28 12.41 21.98
N GLY D 126 -24.29 12.71 22.80
CA GLY D 126 -25.28 11.70 23.21
C GLY D 126 -25.10 11.10 24.60
N GLU D 127 -23.86 10.80 24.99
CA GLU D 127 -23.59 10.11 26.26
C GLU D 127 -23.19 11.05 27.40
N LYS D 128 -23.48 10.63 28.63
CA LYS D 128 -23.11 11.37 29.84
C LYS D 128 -21.65 11.10 30.17
N VAL D 129 -20.90 12.15 30.45
CA VAL D 129 -19.48 11.99 30.81
C VAL D 129 -19.30 11.66 32.28
N ASP D 130 -18.42 10.70 32.54
CA ASP D 130 -17.95 10.39 33.89
C ASP D 130 -16.53 10.97 34.04
N VAL D 131 -16.38 11.94 34.94
CA VAL D 131 -15.07 12.49 35.28
C VAL D 131 -14.64 11.87 36.59
N ARG D 132 -13.38 11.46 36.68
CA ARG D 132 -12.81 10.95 37.94
C ARG D 132 -11.31 11.26 38.01
N PRO D 133 -10.72 11.22 39.23
CA PRO D 133 -9.30 11.61 39.40
C PRO D 133 -8.31 10.63 38.80
N ALA D 134 -7.18 11.15 38.32
CA ALA D 134 -6.16 10.35 37.64
C ALA D 134 -5.38 9.47 38.61
N THR D 135 -5.71 8.17 38.60
CA THR D 135 -5.01 7.16 39.40
C THR D 135 -4.87 5.86 38.60
N ARG D 136 -4.10 4.90 39.11
CA ARG D 136 -4.05 3.57 38.49
C ARG D 136 -5.39 2.86 38.61
N GLN D 137 -6.03 3.01 39.77
CA GLN D 137 -7.36 2.45 40.01
C GLN D 137 -8.36 2.91 38.96
N ASN D 138 -8.41 4.22 38.70
CA ASN D 138 -9.38 4.81 37.78
C ASN D 138 -9.06 4.54 36.30
N LEU D 139 -7.80 4.28 36.00
CA LEU D 139 -7.38 3.98 34.63
C LEU D 139 -7.78 2.55 34.23
N SER D 140 -7.74 1.63 35.18
CA SER D 140 -8.17 0.23 34.98
C SER D 140 -9.68 0.14 34.74
N GLN D 141 -10.43 1.00 35.44
CA GLN D 141 -11.88 1.06 35.29
C GLN D 141 -12.30 1.59 33.92
N PHE D 142 -11.64 2.67 33.47
CA PHE D 142 -11.88 3.20 32.12
C PHE D 142 -11.35 2.27 31.02
N GLU D 143 -10.26 1.55 31.30
CA GLU D 143 -9.71 0.58 30.33
C GLU D 143 -10.58 -0.67 30.24
N ALA D 144 -11.10 -1.13 31.38
CA ALA D 144 -12.05 -2.25 31.43
C ALA D 144 -13.39 -1.90 30.79
N GLN D 145 -13.81 -0.66 30.99
CA GLN D 145 -15.03 -0.13 30.36
C GLN D 145 -14.83 0.03 28.85
N ALA D 146 -13.63 0.42 28.43
CA ALA D 146 -13.31 0.61 27.02
C ALA D 146 -13.51 -0.67 26.21
N ARG D 147 -12.98 -1.78 26.72
CA ARG D 147 -13.07 -3.07 26.04
C ARG D 147 -14.32 -3.88 26.41
N LYS D 148 -15.20 -3.28 27.23
CA LYS D 148 -16.57 -3.78 27.44
C LYS D 148 -17.52 -3.20 26.37
N ARG D 149 -16.95 -2.73 25.26
CA ARG D 149 -17.71 -2.09 24.19
C ARG D 149 -17.31 -2.68 22.84
#